data_4HUZ
#
_entry.id   4HUZ
#
_cell.length_a   65.317
_cell.length_b   65.317
_cell.length_c   294.677
_cell.angle_alpha   90.00
_cell.angle_beta   90.00
_cell.angle_gamma   90.00
#
_symmetry.space_group_name_H-M   'P 41 21 2'
#
loop_
_entity.id
_entity.type
_entity.pdbx_description
1 polymer '2,6-dichloro-p-hydroquinone 1,2-dioxygenase'
2 non-polymer 'FE (III) ION'
3 non-polymer 'SULFATE ION'
4 water water
#
_entity_poly.entity_id   1
_entity_poly.type   'polypeptide(L)'
_entity_poly.pdbx_seq_one_letter_code
;METNHITSLHHITICTGTAQGDIDFFVKVMGQRFVKRTLFYDGSIPIYHLYFADELGTPGTVMTTFPTRRTGQKGRKGSN
QFTVCTYAIPKGSLEWWIGHLNAHGIATGEPGTRFGQRYVGFQHPDCGIDFEVLEDENDTRQPYDSPYVPIEHAQRGFHS
WTASVRELEDMDFFMENCWNFEKIGEEGNRHRYRVKGTTESGTIIDLLHEPDRRQGSWTIAEGIIHHGAFAVPDMDIQAR
IKFETEGVGFTDFSDRKNRGYFESTYVRTPGGVMFEATHSLGFTHDEDERSLGMDLKVSPQFDDKKHLIEQAMEDDPIVV
;
_entity_poly.pdbx_strand_id   A
#
# COMPACT_ATOMS: atom_id res chain seq x y z
N THR A 3 -23.36 5.20 -3.83
CA THR A 3 -23.05 4.06 -2.97
C THR A 3 -22.60 4.55 -1.61
N ASN A 4 -22.75 3.71 -0.59
CA ASN A 4 -22.48 4.14 0.77
C ASN A 4 -21.74 3.12 1.62
N HIS A 5 -20.72 2.50 1.05
CA HIS A 5 -19.85 1.59 1.78
C HIS A 5 -18.47 1.70 1.18
N ILE A 6 -17.49 0.98 1.70
CA ILE A 6 -16.14 1.08 1.14
C ILE A 6 -16.15 0.71 -0.34
N THR A 7 -15.39 1.45 -1.12
CA THR A 7 -15.58 1.44 -2.57
C THR A 7 -14.46 0.73 -3.34
N SER A 8 -13.26 0.76 -2.78
CA SER A 8 -12.09 0.21 -3.45
C SER A 8 -10.90 0.25 -2.51
N LEU A 9 -9.74 -0.20 -3.01
CA LEU A 9 -8.47 -0.02 -2.30
C LEU A 9 -8.13 1.45 -2.33
N HIS A 10 -7.33 1.89 -1.38
CA HIS A 10 -6.98 3.30 -1.33
C HIS A 10 -5.48 3.46 -1.30
N HIS A 11 -4.85 3.13 -0.18
CA HIS A 11 -3.40 3.16 -0.11
C HIS A 11 -2.88 1.96 0.63
N ILE A 12 -1.60 1.66 0.46
CA ILE A 12 -0.99 0.61 1.23
C ILE A 12 0.21 1.24 1.89
N THR A 13 0.60 0.74 3.05
CA THR A 13 1.63 1.39 3.84
C THR A 13 2.65 0.39 4.34
N ILE A 14 3.90 0.61 3.95
CA ILE A 14 4.96 -0.36 4.14
C ILE A 14 6.15 0.29 4.85
N CYS A 15 6.94 -0.52 5.53
CA CYS A 15 8.12 -0.06 6.23
C CYS A 15 9.33 -0.53 5.44
N THR A 16 10.13 0.43 4.97
CA THR A 16 11.23 0.18 4.05
C THR A 16 12.57 0.54 4.68
N GLY A 17 13.63 0.65 3.87
CA GLY A 17 14.96 0.92 4.38
C GLY A 17 15.32 2.38 4.43
N THR A 18 15.84 2.89 3.31
CA THR A 18 16.27 4.28 3.21
C THR A 18 15.33 5.00 2.26
N ALA A 19 15.24 6.32 2.40
CA ALA A 19 14.34 7.10 1.58
C ALA A 19 14.77 7.00 0.13
N GLN A 20 16.08 7.12 -0.12
CA GLN A 20 16.64 7.03 -1.47
C GLN A 20 16.33 5.69 -2.09
N GLY A 21 16.25 4.67 -1.23
CA GLY A 21 15.88 3.33 -1.65
C GLY A 21 14.50 3.36 -2.31
N ASP A 22 13.59 4.14 -1.75
CA ASP A 22 12.22 4.12 -2.22
C ASP A 22 12.05 4.93 -3.48
N ILE A 23 12.61 6.14 -3.48
CA ILE A 23 12.66 6.96 -4.69
C ILE A 23 13.26 6.20 -5.87
N ASP A 24 14.41 5.58 -5.65
CA ASP A 24 15.06 4.79 -6.70
C ASP A 24 14.12 3.70 -7.20
N PHE A 25 13.28 3.20 -6.31
CA PHE A 25 12.39 2.10 -6.65
C PHE A 25 11.02 2.53 -7.14
N PHE A 26 10.38 3.45 -6.43
CA PHE A 26 9.01 3.76 -6.78
C PHE A 26 8.93 4.75 -7.92
N VAL A 27 9.88 5.68 -7.94
CA VAL A 27 9.94 6.62 -9.06
C VAL A 27 10.77 6.06 -10.23
N LYS A 28 12.06 5.79 -9.99
CA LYS A 28 12.97 5.40 -11.07
C LYS A 28 12.73 4.01 -11.68
N VAL A 29 12.02 3.12 -10.96
CA VAL A 29 11.80 1.78 -11.47
C VAL A 29 10.34 1.52 -11.84
N MET A 30 9.43 1.94 -10.96
CA MET A 30 8.00 1.66 -11.16
C MET A 30 7.30 2.77 -11.95
N GLY A 31 7.92 3.95 -11.97
CA GLY A 31 7.39 5.06 -12.74
C GLY A 31 6.22 5.75 -12.09
N GLN A 32 6.27 5.83 -10.77
CA GLN A 32 5.27 6.53 -10.00
C GLN A 32 5.77 7.92 -9.68
N ARG A 33 4.85 8.86 -9.52
CA ARG A 33 5.22 10.21 -9.15
C ARG A 33 5.45 10.33 -7.65
N PHE A 34 6.59 10.87 -7.25
CA PHE A 34 6.85 11.27 -5.87
C PHE A 34 5.90 12.43 -5.60
N VAL A 35 4.88 12.23 -4.77
CA VAL A 35 3.81 13.24 -4.60
C VAL A 35 3.78 13.95 -3.25
N LYS A 36 4.47 13.41 -2.26
CA LYS A 36 4.53 14.05 -0.95
C LYS A 36 5.64 13.45 -0.12
N ARG A 37 6.27 14.28 0.68
CA ARG A 37 7.28 13.80 1.60
C ARG A 37 7.09 14.58 2.88
N THR A 38 7.13 13.88 4.01
CA THR A 38 6.93 14.52 5.29
C THR A 38 7.93 13.96 6.27
N LEU A 39 8.21 14.72 7.32
CA LEU A 39 9.06 14.24 8.40
C LEU A 39 8.30 14.27 9.73
N PHE A 40 8.27 13.14 10.43
CA PHE A 40 7.70 13.12 11.79
C PHE A 40 8.72 12.55 12.77
N TYR A 41 8.42 12.67 14.07
CA TYR A 41 9.30 12.19 15.13
C TYR A 41 8.63 11.01 15.81
N ASP A 42 9.32 9.86 15.87
CA ASP A 42 8.67 8.64 16.35
C ASP A 42 8.96 8.30 17.81
N GLY A 43 9.44 9.29 18.56
CA GLY A 43 9.75 9.08 19.96
C GLY A 43 11.25 8.99 20.18
N SER A 44 11.96 8.57 19.13
CA SER A 44 13.42 8.50 19.14
C SER A 44 14.07 9.39 18.08
N ILE A 45 13.78 9.08 16.82
CA ILE A 45 14.48 9.66 15.69
C ILE A 45 13.50 10.22 14.66
N PRO A 46 13.96 11.11 13.77
CA PRO A 46 13.10 11.55 12.66
C PRO A 46 12.94 10.44 11.64
N ILE A 47 11.74 10.32 11.08
CA ILE A 47 11.45 9.26 10.12
C ILE A 47 10.66 9.92 9.02
N TYR A 48 10.97 9.59 7.77
CA TYR A 48 10.18 10.15 6.67
C TYR A 48 8.87 9.40 6.55
N HIS A 49 7.88 10.11 6.04
CA HIS A 49 6.68 9.46 5.54
C HIS A 49 6.55 9.88 4.08
N LEU A 50 6.85 8.98 3.15
CA LEU A 50 6.85 9.33 1.74
C LEU A 50 5.61 8.80 1.04
N TYR A 51 5.13 9.53 0.06
CA TYR A 51 3.97 9.12 -0.69
C TYR A 51 4.30 9.04 -2.18
N PHE A 52 3.76 8.04 -2.84
CA PHE A 52 4.04 7.79 -4.24
C PHE A 52 2.73 7.42 -4.88
N ALA A 53 2.39 8.02 -6.01
CA ALA A 53 1.14 7.65 -6.66
C ALA A 53 1.17 7.87 -8.16
N ASP A 54 -0.02 8.10 -8.72
CA ASP A 54 -0.15 8.56 -10.08
C ASP A 54 0.00 10.08 -10.02
N GLU A 55 -0.60 10.80 -10.96
CA GLU A 55 -0.36 12.23 -11.03
C GLU A 55 -0.81 12.99 -9.80
N LEU A 56 -2.04 12.71 -9.35
CA LEU A 56 -2.66 13.47 -8.27
C LEU A 56 -3.15 12.61 -7.09
N GLY A 57 -2.44 11.53 -6.80
CA GLY A 57 -2.70 10.73 -5.62
C GLY A 57 -4.07 10.06 -5.51
N THR A 58 -4.60 9.60 -6.64
CA THR A 58 -5.90 8.94 -6.67
C THR A 58 -5.91 7.59 -5.94
N PRO A 59 -6.97 7.32 -5.16
CA PRO A 59 -7.14 6.03 -4.47
C PRO A 59 -6.96 4.82 -5.38
N GLY A 60 -6.21 3.84 -4.92
CA GLY A 60 -5.94 2.65 -5.71
C GLY A 60 -4.59 2.72 -6.39
N THR A 61 -3.86 3.82 -6.18
CA THR A 61 -2.51 3.97 -6.73
C THR A 61 -1.52 4.49 -5.70
N VAL A 62 -1.99 4.77 -4.49
CA VAL A 62 -1.11 5.44 -3.54
C VAL A 62 -0.31 4.45 -2.75
N MET A 63 0.97 4.72 -2.60
CA MET A 63 1.87 3.86 -1.87
C MET A 63 2.53 4.73 -0.82
N THR A 64 2.52 4.31 0.42
CA THR A 64 3.16 5.13 1.42
C THR A 64 4.19 4.30 2.09
N THR A 65 5.24 4.94 2.54
CA THR A 65 6.39 4.22 3.07
C THR A 65 6.96 4.95 4.27
N PHE A 66 7.45 4.17 5.23
CA PHE A 66 8.24 4.68 6.33
C PHE A 66 9.62 4.06 6.16
N PRO A 67 10.60 4.84 5.67
CA PRO A 67 11.95 4.27 5.64
C PRO A 67 12.38 4.08 7.07
N THR A 68 12.65 2.85 7.48
CA THR A 68 12.89 2.58 8.89
C THR A 68 14.19 1.82 9.13
N ARG A 69 15.19 2.08 8.29
CA ARG A 69 16.48 1.44 8.46
C ARG A 69 17.20 2.02 9.68
N ARG A 70 16.89 3.27 10.00
CA ARG A 70 17.59 3.96 11.10
C ARG A 70 17.14 3.59 12.51
N THR A 71 16.02 2.89 12.63
CA THR A 71 15.68 2.16 13.85
C THR A 71 16.32 0.80 13.64
N GLY A 72 16.76 0.15 14.71
CA GLY A 72 17.35 -1.16 14.57
C GLY A 72 16.37 -2.21 14.08
N GLN A 73 15.08 -1.99 14.36
CA GLN A 73 13.99 -2.94 14.08
C GLN A 73 13.92 -3.51 12.66
N LYS A 74 14.04 -4.82 12.55
CA LYS A 74 13.84 -5.49 11.28
C LYS A 74 12.66 -6.47 11.42
N GLY A 75 11.63 -6.24 10.62
CA GLY A 75 10.38 -7.01 10.73
C GLY A 75 10.45 -8.41 10.17
N ARG A 76 9.56 -9.27 10.64
CA ARG A 76 9.53 -10.66 10.22
C ARG A 76 8.36 -10.92 9.28
N LYS A 77 8.68 -11.31 8.05
CA LYS A 77 7.65 -11.76 7.13
C LYS A 77 7.00 -12.98 7.77
N GLY A 78 5.70 -13.13 7.59
CA GLY A 78 4.98 -14.17 8.29
C GLY A 78 3.53 -14.18 7.86
N SER A 79 2.66 -14.68 8.72
CA SER A 79 1.34 -15.09 8.28
C SER A 79 0.14 -14.25 8.66
N ASN A 80 0.23 -13.27 9.54
CA ASN A 80 -0.99 -12.47 9.73
C ASN A 80 -0.79 -11.04 9.25
N GLN A 81 -0.56 -10.89 7.94
CA GLN A 81 -0.24 -9.59 7.37
C GLN A 81 -0.41 -9.59 5.87
N PHE A 82 -0.35 -8.41 5.28
CA PHE A 82 -0.21 -8.32 3.82
C PHE A 82 1.20 -8.74 3.42
N THR A 83 1.28 -9.60 2.40
CA THR A 83 2.55 -10.21 1.98
C THR A 83 3.06 -9.79 0.58
N VAL A 84 2.14 -9.42 -0.31
CA VAL A 84 2.50 -9.05 -1.69
C VAL A 84 1.62 -7.93 -2.21
N CYS A 85 2.22 -6.86 -2.73
CA CYS A 85 1.48 -5.80 -3.42
C CYS A 85 1.60 -5.92 -4.95
N THR A 86 0.46 -5.92 -5.66
CA THR A 86 0.43 -6.22 -7.09
C THR A 86 -0.04 -5.06 -7.98
N TYR A 87 0.87 -4.56 -8.83
CA TYR A 87 0.54 -3.50 -9.79
C TYR A 87 -0.09 -4.07 -11.04
N ALA A 88 -1.00 -3.31 -11.63
CA ALA A 88 -1.58 -3.67 -12.92
C ALA A 88 -0.84 -3.03 -14.10
N ILE A 89 -0.30 -3.84 -15.00
CA ILE A 89 0.36 -3.36 -16.24
C ILE A 89 -0.47 -3.76 -17.45
N PRO A 90 -0.24 -3.12 -18.62
CA PRO A 90 -1.09 -3.51 -19.76
C PRO A 90 -0.74 -4.90 -20.29
N LYS A 91 -1.66 -5.52 -21.02
CA LYS A 91 -1.40 -6.87 -21.53
C LYS A 91 -0.36 -6.85 -22.65
N GLY A 92 0.62 -7.75 -22.55
CA GLY A 92 1.73 -7.80 -23.50
C GLY A 92 2.95 -7.09 -22.96
N SER A 93 2.81 -6.47 -21.80
CA SER A 93 3.89 -5.64 -21.27
C SER A 93 4.84 -6.35 -20.31
N LEU A 94 4.59 -7.62 -20.02
CA LEU A 94 5.37 -8.33 -19.00
C LEU A 94 6.86 -8.39 -19.30
N GLU A 95 7.21 -8.68 -20.57
CA GLU A 95 8.62 -8.84 -20.95
C GLU A 95 9.38 -7.54 -20.86
N TRP A 96 8.75 -6.45 -21.27
CA TRP A 96 9.38 -5.14 -21.11
C TRP A 96 9.73 -4.93 -19.64
N TRP A 97 8.76 -5.21 -18.76
CA TRP A 97 8.94 -5.07 -17.31
C TRP A 97 10.03 -5.96 -16.78
N ILE A 98 9.98 -7.25 -17.14
CA ILE A 98 11.06 -8.17 -16.80
C ILE A 98 12.38 -7.59 -17.24
N GLY A 99 12.36 -7.02 -18.46
CA GLY A 99 13.49 -6.29 -19.00
C GLY A 99 13.89 -5.07 -18.19
N HIS A 100 12.99 -4.09 -18.02
CA HIS A 100 13.40 -2.84 -17.36
C HIS A 100 13.61 -3.00 -15.86
N LEU A 101 13.29 -4.20 -15.35
CA LEU A 101 13.54 -4.58 -13.95
C LEU A 101 14.90 -5.22 -13.80
N ASN A 102 15.21 -6.19 -14.66
CA ASN A 102 16.53 -6.79 -14.69
C ASN A 102 17.61 -5.75 -14.97
N ALA A 103 17.33 -4.87 -15.93
CA ALA A 103 18.22 -3.76 -16.26
C ALA A 103 18.62 -2.99 -15.01
N HIS A 104 17.69 -2.90 -14.06
CA HIS A 104 17.93 -2.16 -12.83
C HIS A 104 18.52 -3.02 -11.72
N GLY A 105 18.78 -4.28 -12.01
CA GLY A 105 19.47 -5.13 -11.07
C GLY A 105 18.52 -5.88 -10.14
N ILE A 106 17.22 -5.68 -10.34
CA ILE A 106 16.18 -6.33 -9.55
C ILE A 106 15.85 -7.71 -10.10
N ALA A 107 16.19 -8.76 -9.35
CA ALA A 107 15.90 -10.12 -9.78
C ALA A 107 14.40 -10.36 -9.83
N THR A 108 13.94 -11.01 -10.90
CA THR A 108 12.55 -11.39 -11.01
C THR A 108 12.44 -12.90 -10.97
N GLY A 109 11.24 -13.40 -10.75
CA GLY A 109 11.06 -14.83 -10.58
C GLY A 109 10.27 -15.44 -11.70
N GLU A 110 10.00 -16.74 -11.56
CA GLU A 110 9.17 -17.46 -12.51
C GLU A 110 7.85 -16.74 -12.81
N PRO A 111 7.69 -16.27 -14.06
CA PRO A 111 6.40 -15.72 -14.45
C PRO A 111 5.33 -16.78 -14.24
N GLY A 112 4.13 -16.35 -13.91
CA GLY A 112 3.07 -17.30 -13.67
C GLY A 112 1.78 -16.80 -14.23
N THR A 113 0.73 -17.55 -13.91
CA THR A 113 -0.63 -17.17 -14.23
C THR A 113 -1.47 -17.30 -12.98
N ARG A 114 -2.28 -16.28 -12.71
CA ARG A 114 -3.18 -16.26 -11.56
C ARG A 114 -4.54 -15.85 -12.07
N PHE A 115 -5.52 -16.75 -11.97
CA PHE A 115 -6.84 -16.51 -12.51
C PHE A 115 -6.81 -16.05 -13.96
N GLY A 116 -5.90 -16.62 -14.75
CA GLY A 116 -5.87 -16.39 -16.18
C GLY A 116 -4.97 -15.25 -16.62
N GLN A 117 -4.42 -14.52 -15.67
CA GLN A 117 -3.61 -13.36 -16.01
C GLN A 117 -2.16 -13.60 -15.62
N ARG A 118 -1.23 -13.05 -16.40
CA ARG A 118 0.20 -13.28 -16.18
C ARG A 118 0.80 -12.26 -15.21
N TYR A 119 1.75 -12.71 -14.42
CA TYR A 119 2.39 -11.84 -13.45
C TYR A 119 3.83 -12.29 -13.28
N VAL A 120 4.67 -11.41 -12.75
CA VAL A 120 5.99 -11.80 -12.28
C VAL A 120 6.27 -11.14 -10.94
N GLY A 121 6.90 -11.88 -10.03
CA GLY A 121 7.26 -11.32 -8.74
C GLY A 121 8.68 -10.76 -8.68
N PHE A 122 8.90 -9.87 -7.72
CA PHE A 122 10.21 -9.28 -7.48
C PHE A 122 10.21 -8.53 -6.16
N GLN A 123 11.38 -8.13 -5.70
CA GLN A 123 11.47 -7.48 -4.41
C GLN A 123 11.95 -6.03 -4.46
N HIS A 124 11.51 -5.25 -3.50
CA HIS A 124 12.10 -3.96 -3.25
C HIS A 124 13.55 -4.26 -2.92
N PRO A 125 14.49 -3.67 -3.67
CA PRO A 125 15.92 -3.92 -3.51
C PRO A 125 16.41 -3.51 -2.13
N ASP A 126 15.75 -2.53 -1.52
CA ASP A 126 16.25 -1.95 -0.28
C ASP A 126 15.57 -2.38 1.05
N CYS A 127 14.68 -3.38 1.02
CA CYS A 127 14.04 -3.83 2.27
C CYS A 127 13.47 -5.24 2.22
N GLY A 128 13.20 -5.72 1.01
CA GLY A 128 12.80 -7.11 0.79
C GLY A 128 11.33 -7.35 0.48
N ILE A 129 10.52 -6.31 0.60
CA ILE A 129 9.07 -6.43 0.42
C ILE A 129 8.71 -6.95 -0.98
N ASP A 130 7.65 -7.72 -1.09
CA ASP A 130 7.35 -8.43 -2.33
C ASP A 130 6.37 -7.69 -3.21
N PHE A 131 6.70 -7.58 -4.50
CA PHE A 131 5.84 -6.91 -5.46
C PHE A 131 5.53 -7.80 -6.65
N GLU A 132 4.52 -7.43 -7.40
CA GLU A 132 4.21 -8.11 -8.64
C GLU A 132 3.74 -7.10 -9.66
N VAL A 133 3.96 -7.41 -10.93
CA VAL A 133 3.27 -6.73 -12.01
C VAL A 133 2.39 -7.79 -12.65
N LEU A 134 1.16 -7.42 -12.99
CA LEU A 134 0.16 -8.37 -13.45
C LEU A 134 -0.58 -7.76 -14.65
N GLU A 135 -0.70 -8.54 -15.73
CA GLU A 135 -1.30 -8.06 -16.96
C GLU A 135 -2.83 -8.00 -16.81
N ASP A 136 -3.34 -6.80 -16.64
CA ASP A 136 -4.79 -6.62 -16.57
C ASP A 136 -5.28 -5.85 -17.79
N GLU A 137 -5.88 -6.59 -18.72
CA GLU A 137 -6.47 -6.00 -19.91
C GLU A 137 -7.72 -5.23 -19.56
N ASN A 138 -8.27 -5.47 -18.37
CA ASN A 138 -9.51 -4.81 -17.97
C ASN A 138 -9.31 -3.52 -17.18
N ASP A 139 -8.04 -3.16 -16.95
CA ASP A 139 -7.68 -1.95 -16.21
C ASP A 139 -7.47 -0.77 -17.16
N THR A 140 -8.38 0.19 -17.09
CA THR A 140 -8.40 1.31 -17.99
C THR A 140 -7.97 2.61 -17.37
N ARG A 141 -7.34 2.56 -16.22
CA ARG A 141 -6.96 3.77 -15.53
C ARG A 141 -5.82 4.47 -16.23
N GLN A 142 -5.79 5.80 -16.09
CA GLN A 142 -4.77 6.63 -16.71
C GLN A 142 -3.40 6.45 -16.07
N PRO A 143 -2.44 5.89 -16.81
CA PRO A 143 -1.09 5.79 -16.27
C PRO A 143 -0.50 7.17 -16.12
N TYR A 144 0.38 7.34 -15.13
CA TYR A 144 1.12 8.58 -14.99
C TYR A 144 2.28 8.51 -15.95
N ASP A 145 2.52 9.61 -16.68
CA ASP A 145 3.60 9.68 -17.67
C ASP A 145 4.89 10.25 -17.09
N SER A 146 5.77 9.36 -16.64
CA SER A 146 7.05 9.76 -16.09
C SER A 146 8.07 9.60 -17.19
N PRO A 147 9.34 10.00 -16.93
CA PRO A 147 10.41 9.45 -17.77
C PRO A 147 10.50 7.94 -17.48
N TYR A 148 11.71 7.46 -17.19
CA TYR A 148 11.88 6.13 -16.59
C TYR A 148 11.10 4.93 -17.20
N VAL A 149 9.82 5.17 -17.50
CA VAL A 149 8.94 4.19 -18.10
C VAL A 149 8.02 4.79 -19.17
N PRO A 150 8.00 4.20 -20.37
CA PRO A 150 7.18 4.71 -21.46
C PRO A 150 5.72 4.45 -21.20
N ILE A 151 4.88 5.37 -21.65
CA ILE A 151 3.45 5.31 -21.41
C ILE A 151 2.81 4.03 -21.97
N GLU A 152 3.45 3.40 -22.95
CA GLU A 152 2.97 2.12 -23.48
C GLU A 152 2.93 1.00 -22.43
N HIS A 153 3.88 1.04 -21.50
CA HIS A 153 4.08 -0.07 -20.58
C HIS A 153 3.84 0.27 -19.11
N ALA A 154 3.44 1.52 -18.84
CA ALA A 154 3.27 2.00 -17.46
C ALA A 154 2.23 1.18 -16.71
N GLN A 155 2.51 0.88 -15.44
CA GLN A 155 1.50 0.33 -14.55
C GLN A 155 0.45 1.39 -14.30
N ARG A 156 -0.81 0.97 -14.19
CA ARG A 156 -1.88 1.92 -13.97
C ARG A 156 -2.60 1.77 -12.63
N GLY A 157 -1.82 1.55 -11.57
CA GLY A 157 -2.35 1.39 -10.22
C GLY A 157 -2.21 -0.02 -9.65
N PHE A 158 -2.79 -0.24 -8.47
CA PHE A 158 -2.77 -1.55 -7.82
C PHE A 158 -3.85 -2.43 -8.40
N HIS A 159 -3.48 -3.67 -8.70
CA HIS A 159 -4.46 -4.65 -9.13
C HIS A 159 -5.12 -5.27 -7.89
N SER A 160 -4.29 -5.78 -7.00
CA SER A 160 -4.75 -6.51 -5.85
C SER A 160 -3.71 -6.41 -4.76
N TRP A 161 -4.12 -6.73 -3.54
CA TRP A 161 -3.17 -7.03 -2.46
C TRP A 161 -3.40 -8.47 -2.00
N THR A 162 -2.35 -9.11 -1.50
CA THR A 162 -2.45 -10.48 -1.04
C THR A 162 -2.16 -10.57 0.44
N ALA A 163 -3.14 -11.03 1.22
CA ALA A 163 -2.97 -11.17 2.65
C ALA A 163 -2.77 -12.63 3.00
N SER A 164 -1.77 -12.90 3.81
CA SER A 164 -1.65 -14.21 4.42
C SER A 164 -2.49 -14.20 5.71
N VAL A 165 -3.33 -15.23 5.94
CA VAL A 165 -4.14 -15.34 7.17
C VAL A 165 -4.22 -16.76 7.71
N ARG A 166 -4.10 -16.92 9.03
CA ARG A 166 -4.24 -18.24 9.65
C ARG A 166 -5.71 -18.67 9.81
N GLU A 167 -6.57 -17.72 10.15
CA GLU A 167 -7.98 -18.04 10.36
C GLU A 167 -8.81 -17.57 9.18
N LEU A 168 -9.09 -18.47 8.25
CA LEU A 168 -9.82 -18.08 7.06
C LEU A 168 -11.33 -17.92 7.26
N GLU A 169 -11.98 -18.86 7.96
CA GLU A 169 -13.45 -18.88 8.06
C GLU A 169 -13.96 -17.56 8.61
N ASP A 170 -13.42 -17.15 9.75
CA ASP A 170 -13.88 -15.93 10.39
C ASP A 170 -13.46 -14.68 9.63
N MET A 171 -12.41 -14.80 8.83
CA MET A 171 -11.95 -13.69 7.98
C MET A 171 -12.89 -13.49 6.80
N ASP A 172 -13.29 -14.59 6.18
CA ASP A 172 -14.36 -14.58 5.19
C ASP A 172 -15.63 -13.89 5.73
N PHE A 173 -16.06 -14.27 6.93
CA PHE A 173 -17.23 -13.65 7.57
C PHE A 173 -17.06 -12.14 7.67
N PHE A 174 -15.87 -11.71 8.05
CA PHE A 174 -15.62 -10.28 8.22
C PHE A 174 -15.68 -9.51 6.90
N MET A 175 -15.17 -10.11 5.83
CA MET A 175 -15.15 -9.41 4.56
C MET A 175 -16.56 -9.20 4.05
N GLU A 176 -17.38 -10.26 4.14
CA GLU A 176 -18.75 -10.23 3.64
C GLU A 176 -19.67 -9.35 4.47
N ASN A 177 -19.58 -9.50 5.79
CA ASN A 177 -20.53 -8.90 6.74
C ASN A 177 -20.18 -7.50 7.23
N CYS A 178 -18.91 -7.18 7.33
CA CYS A 178 -18.51 -5.84 7.78
C CYS A 178 -17.87 -5.03 6.68
N TRP A 179 -17.27 -5.70 5.70
CA TRP A 179 -16.35 -4.99 4.81
C TRP A 179 -16.71 -4.89 3.33
N ASN A 180 -17.92 -5.29 2.98
CA ASN A 180 -18.45 -5.07 1.64
C ASN A 180 -17.65 -5.75 0.54
N PHE A 181 -17.09 -6.90 0.86
CA PHE A 181 -16.41 -7.72 -0.12
C PHE A 181 -17.19 -9.00 -0.29
N GLU A 182 -16.93 -9.74 -1.35
CA GLU A 182 -17.59 -11.01 -1.57
C GLU A 182 -16.58 -11.91 -2.25
N LYS A 183 -16.54 -13.18 -1.85
CA LYS A 183 -15.66 -14.14 -2.51
C LYS A 183 -16.11 -14.27 -3.96
N ILE A 184 -15.16 -14.16 -4.89
CA ILE A 184 -15.46 -14.20 -6.33
C ILE A 184 -14.66 -15.28 -7.06
N GLY A 185 -13.93 -16.08 -6.30
CA GLY A 185 -13.04 -17.06 -6.90
C GLY A 185 -12.16 -17.74 -5.87
N GLU A 186 -11.60 -18.88 -6.25
CA GLU A 186 -10.76 -19.64 -5.37
C GLU A 186 -9.92 -20.55 -6.23
N GLU A 187 -8.62 -20.54 -5.99
CA GLU A 187 -7.74 -21.50 -6.62
C GLU A 187 -6.65 -21.89 -5.65
N GLY A 188 -6.59 -23.17 -5.29
CA GLY A 188 -5.64 -23.64 -4.32
C GLY A 188 -6.00 -23.04 -2.98
N ASN A 189 -5.03 -22.47 -2.28
CA ASN A 189 -5.32 -21.80 -1.01
C ASN A 189 -5.52 -20.29 -1.15
N ARG A 190 -5.67 -19.85 -2.38
CA ARG A 190 -5.89 -18.44 -2.66
C ARG A 190 -7.40 -18.21 -2.85
N HIS A 191 -7.98 -17.33 -2.03
CA HIS A 191 -9.39 -17.00 -2.12
C HIS A 191 -9.51 -15.52 -2.47
N ARG A 192 -10.25 -15.21 -3.52
CA ARG A 192 -10.26 -13.85 -4.05
C ARG A 192 -11.55 -13.11 -3.73
N TYR A 193 -11.39 -11.92 -3.18
CA TYR A 193 -12.54 -11.10 -2.79
C TYR A 193 -12.50 -9.81 -3.57
N ARG A 194 -13.68 -9.28 -3.89
CA ARG A 194 -13.81 -8.07 -4.67
C ARG A 194 -14.91 -7.24 -4.04
N VAL A 195 -14.76 -5.92 -4.05
CA VAL A 195 -15.80 -5.02 -3.57
C VAL A 195 -17.13 -5.38 -4.19
N LYS A 196 -18.14 -5.61 -3.35
CA LYS A 196 -19.49 -5.93 -3.82
C LYS A 196 -19.96 -4.93 -4.86
N GLY A 197 -20.28 -5.41 -6.06
CA GLY A 197 -20.91 -4.60 -7.08
C GLY A 197 -19.96 -3.97 -8.08
N THR A 198 -18.78 -3.57 -7.61
CA THR A 198 -17.83 -2.72 -8.34
C THR A 198 -17.50 -3.12 -9.78
N THR A 199 -17.01 -2.15 -10.53
CA THR A 199 -16.56 -2.34 -11.91
C THR A 199 -15.10 -1.91 -12.02
N GLU A 200 -14.75 -0.88 -11.26
CA GLU A 200 -13.41 -0.30 -11.32
C GLU A 200 -12.33 -1.32 -11.00
N SER A 201 -11.12 -1.03 -11.42
CA SER A 201 -9.99 -1.84 -11.02
C SER A 201 -9.52 -1.36 -9.65
N GLY A 202 -8.55 -2.06 -9.06
CA GLY A 202 -8.06 -1.72 -7.73
C GLY A 202 -9.10 -2.00 -6.65
N THR A 203 -9.71 -3.18 -6.74
CA THR A 203 -10.84 -3.51 -5.91
C THR A 203 -10.70 -4.94 -5.41
N ILE A 204 -9.50 -5.48 -5.52
CA ILE A 204 -9.30 -6.90 -5.24
C ILE A 204 -8.36 -7.16 -4.07
N ILE A 205 -8.81 -8.03 -3.18
CA ILE A 205 -8.01 -8.56 -2.07
C ILE A 205 -7.99 -10.06 -2.22
N ASP A 206 -6.81 -10.65 -2.23
CA ASP A 206 -6.67 -12.10 -2.28
C ASP A 206 -6.24 -12.53 -0.90
N LEU A 207 -6.91 -13.54 -0.35
CA LEU A 207 -6.52 -14.12 0.92
C LEU A 207 -5.78 -15.44 0.70
N LEU A 208 -4.60 -15.56 1.27
CA LEU A 208 -3.88 -16.82 1.27
C LEU A 208 -4.10 -17.51 2.60
N HIS A 209 -4.75 -18.66 2.59
CA HIS A 209 -4.96 -19.43 3.80
C HIS A 209 -3.68 -20.17 4.17
N GLU A 210 -3.04 -19.80 5.27
CA GLU A 210 -1.80 -20.45 5.71
C GLU A 210 -1.79 -20.70 7.24
N PRO A 211 -2.65 -21.62 7.71
CA PRO A 211 -2.83 -21.92 9.15
C PRO A 211 -1.53 -22.40 9.82
N ASP A 212 -0.72 -23.08 9.02
CA ASP A 212 0.56 -23.62 9.41
C ASP A 212 1.61 -22.56 9.81
N ARG A 213 1.56 -21.40 9.16
CA ARG A 213 2.65 -20.43 9.22
C ARG A 213 2.62 -19.47 10.43
N ARG A 214 3.76 -19.35 11.11
CA ARG A 214 3.91 -18.38 12.19
C ARG A 214 3.52 -16.98 11.77
N GLN A 215 2.84 -16.28 12.68
CA GLN A 215 2.40 -14.91 12.47
C GLN A 215 3.59 -13.98 12.20
N GLY A 216 3.41 -13.02 11.29
CA GLY A 216 4.44 -12.05 11.01
C GLY A 216 4.52 -10.97 12.05
N SER A 217 5.34 -9.96 11.83
CA SER A 217 5.40 -8.83 12.74
C SER A 217 4.25 -7.86 12.48
N TRP A 218 3.72 -7.31 13.57
CA TRP A 218 2.62 -6.37 13.50
C TRP A 218 3.10 -4.94 13.68
N THR A 219 4.28 -4.81 14.26
CA THR A 219 4.84 -3.52 14.62
C THR A 219 5.63 -2.87 13.48
N ILE A 220 5.90 -1.57 13.62
CA ILE A 220 6.64 -0.83 12.60
C ILE A 220 8.09 -1.31 12.57
N ALA A 221 8.44 -2.06 11.54
CA ALA A 221 9.78 -2.62 11.44
C ALA A 221 10.12 -2.89 9.97
N GLU A 222 11.41 -2.78 9.62
CA GLU A 222 11.81 -2.80 8.21
C GLU A 222 11.53 -4.12 7.50
N GLY A 223 10.80 -4.06 6.40
CA GLY A 223 10.55 -5.24 5.58
C GLY A 223 9.11 -5.71 5.63
N ILE A 224 8.23 -4.91 6.24
CA ILE A 224 6.87 -5.34 6.52
C ILE A 224 5.81 -4.43 5.91
N ILE A 225 4.66 -4.99 5.53
CA ILE A 225 3.50 -4.17 5.21
C ILE A 225 2.64 -3.95 6.46
N HIS A 226 2.53 -2.70 6.90
CA HIS A 226 1.89 -2.46 8.17
C HIS A 226 0.36 -2.52 8.12
N HIS A 227 -0.23 -2.11 7.00
CA HIS A 227 -1.68 -2.12 6.91
C HIS A 227 -2.12 -1.84 5.50
N GLY A 228 -3.34 -2.21 5.18
CA GLY A 228 -3.96 -1.81 3.95
C GLY A 228 -5.12 -0.90 4.24
N ALA A 229 -5.37 0.05 3.35
CA ALA A 229 -6.42 1.04 3.54
C ALA A 229 -7.44 0.97 2.40
N PHE A 230 -8.70 1.23 2.72
CA PHE A 230 -9.79 1.11 1.77
C PHE A 230 -10.53 2.42 1.68
N ALA A 231 -10.93 2.77 0.47
CA ALA A 231 -11.57 4.06 0.23
C ALA A 231 -13.02 4.06 0.70
N VAL A 232 -13.37 5.09 1.44
CA VAL A 232 -14.74 5.22 1.88
C VAL A 232 -15.17 6.62 1.43
N PRO A 233 -16.40 6.75 0.89
CA PRO A 233 -16.86 8.02 0.31
C PRO A 233 -16.75 9.24 1.24
N ASP A 234 -17.09 9.09 2.52
CA ASP A 234 -17.02 10.20 3.48
C ASP A 234 -17.00 9.74 4.94
N MET A 235 -16.92 10.71 5.85
CA MET A 235 -16.78 10.41 7.28
C MET A 235 -18.01 9.79 7.95
N ASP A 236 -19.18 9.95 7.32
CA ASP A 236 -20.41 9.38 7.86
C ASP A 236 -20.45 7.88 7.63
N ILE A 237 -20.15 7.48 6.40
CA ILE A 237 -20.08 6.07 6.08
C ILE A 237 -19.00 5.44 6.95
N GLN A 238 -17.87 6.13 7.06
CA GLN A 238 -16.81 5.70 7.95
C GLN A 238 -17.34 5.41 9.37
N ALA A 239 -18.05 6.37 9.96
CA ALA A 239 -18.52 6.23 11.33
C ALA A 239 -19.49 5.08 11.46
N ARG A 240 -20.31 4.89 10.43
CA ARG A 240 -21.30 3.82 10.43
C ARG A 240 -20.63 2.46 10.39
N ILE A 241 -19.60 2.35 9.55
CA ILE A 241 -18.85 1.09 9.45
C ILE A 241 -18.18 0.78 10.79
N LYS A 242 -17.70 1.81 11.47
CA LYS A 242 -17.10 1.68 12.77
C LYS A 242 -18.11 1.17 13.82
N PHE A 243 -19.31 1.72 13.76
CA PHE A 243 -20.34 1.41 14.76
C PHE A 243 -20.86 -0.02 14.62
N GLU A 244 -21.19 -0.41 13.40
CA GLU A 244 -21.69 -1.75 13.16
C GLU A 244 -20.63 -2.82 13.39
N THR A 245 -19.38 -2.49 13.09
CA THR A 245 -18.29 -3.41 13.30
C THR A 245 -17.98 -3.56 14.79
N GLU A 246 -18.01 -2.45 15.53
CA GLU A 246 -17.90 -2.53 16.99
C GLU A 246 -19.02 -3.37 17.56
N GLY A 247 -20.22 -3.12 17.05
CA GLY A 247 -21.43 -3.82 17.45
C GLY A 247 -21.30 -5.33 17.53
N VAL A 248 -20.63 -5.94 16.57
CA VAL A 248 -20.44 -7.39 16.58
C VAL A 248 -19.24 -7.84 17.43
N GLY A 249 -18.47 -6.91 17.98
CA GLY A 249 -17.41 -7.31 18.89
C GLY A 249 -16.02 -6.69 18.70
N PHE A 250 -15.77 -6.07 17.54
CA PHE A 250 -14.46 -5.46 17.30
C PHE A 250 -14.43 -4.10 17.94
N THR A 251 -14.27 -4.07 19.25
CA THR A 251 -14.37 -2.81 19.96
C THR A 251 -13.05 -2.04 19.87
N ASP A 252 -12.07 -2.67 19.25
CA ASP A 252 -10.77 -2.02 18.98
C ASP A 252 -10.77 -1.15 17.71
N PHE A 253 -11.93 -0.83 17.17
CA PHE A 253 -11.98 0.12 16.08
C PHE A 253 -11.51 1.47 16.59
N SER A 254 -10.49 2.04 15.96
CA SER A 254 -9.84 3.24 16.50
C SER A 254 -10.68 4.49 16.32
N ASP A 255 -10.34 5.53 17.07
CA ASP A 255 -10.79 6.87 16.75
C ASP A 255 -10.31 7.28 15.34
N ARG A 256 -11.05 8.18 14.70
CA ARG A 256 -10.67 8.75 13.40
C ARG A 256 -9.44 9.66 13.53
N LYS A 257 -8.36 9.30 12.83
CA LYS A 257 -7.12 10.07 12.90
C LYS A 257 -6.81 10.83 11.60
N ASN A 258 -6.45 12.11 11.72
CA ASN A 258 -5.99 12.85 10.55
C ASN A 258 -4.51 12.58 10.22
N ARG A 259 -4.25 11.90 9.11
CA ARG A 259 -2.91 11.48 8.83
C ARG A 259 -2.27 12.37 7.75
N GLY A 260 -2.75 13.61 7.67
CA GLY A 260 -2.26 14.57 6.69
C GLY A 260 -3.13 14.66 5.45
N TYR A 261 -3.13 13.59 4.66
CA TYR A 261 -3.75 13.64 3.34
C TYR A 261 -4.91 12.67 3.24
N PHE A 262 -5.31 12.16 4.41
CA PHE A 262 -6.51 11.33 4.55
C PHE A 262 -6.98 11.10 6.01
N GLU A 263 -8.27 10.82 6.16
CA GLU A 263 -8.91 10.48 7.46
C GLU A 263 -9.00 8.97 7.69
N SER A 264 -8.42 8.50 8.78
CA SER A 264 -8.21 7.06 8.98
C SER A 264 -8.79 6.48 10.27
N THR A 265 -9.48 5.34 10.15
CA THR A 265 -9.86 4.53 11.31
C THR A 265 -9.33 3.11 11.14
N TYR A 266 -8.80 2.53 12.22
CA TYR A 266 -8.11 1.24 12.15
C TYR A 266 -8.78 0.10 12.98
N VAL A 267 -8.87 -1.08 12.38
CA VAL A 267 -9.41 -2.24 13.08
C VAL A 267 -8.54 -3.46 12.79
N ARG A 268 -8.29 -4.29 13.79
CA ARG A 268 -7.58 -5.54 13.57
C ARG A 268 -8.57 -6.65 13.26
N THR A 269 -8.59 -7.12 12.02
CA THR A 269 -9.55 -8.11 11.58
C THR A 269 -9.24 -9.49 12.17
N PRO A 270 -10.20 -10.44 12.11
CA PRO A 270 -9.88 -11.74 12.70
C PRO A 270 -8.82 -12.52 11.93
N GLY A 271 -8.39 -12.03 10.77
CA GLY A 271 -7.33 -12.68 10.03
C GLY A 271 -5.97 -12.17 10.47
N GLY A 272 -5.98 -11.19 11.37
CA GLY A 272 -4.76 -10.67 11.94
C GLY A 272 -4.24 -9.49 11.16
N VAL A 273 -5.00 -9.05 10.16
CA VAL A 273 -4.56 -7.94 9.33
C VAL A 273 -5.24 -6.60 9.66
N MET A 274 -4.45 -5.58 9.91
CA MET A 274 -4.94 -4.20 10.05
C MET A 274 -5.63 -3.72 8.78
N PHE A 275 -6.86 -3.24 8.93
CA PHE A 275 -7.58 -2.62 7.83
C PHE A 275 -7.79 -1.16 8.17
N GLU A 276 -7.90 -0.30 7.16
CA GLU A 276 -8.17 1.10 7.40
C GLU A 276 -9.37 1.46 6.58
N ALA A 277 -10.27 2.26 7.16
CA ALA A 277 -11.34 2.88 6.39
C ALA A 277 -10.95 4.34 6.24
N THR A 278 -10.74 4.75 4.99
CA THR A 278 -10.05 5.99 4.69
C THR A 278 -10.90 6.99 3.94
N HIS A 279 -10.88 8.22 4.42
CA HIS A 279 -11.50 9.32 3.73
C HIS A 279 -10.41 10.23 3.14
N SER A 280 -10.54 10.56 1.85
CA SER A 280 -9.44 11.25 1.14
C SER A 280 -9.41 12.76 1.30
N LEU A 281 -8.22 13.28 1.54
CA LEU A 281 -8.03 14.72 1.68
C LEU A 281 -7.25 15.40 0.54
N GLY A 282 -6.67 14.62 -0.37
CA GLY A 282 -5.88 15.18 -1.45
C GLY A 282 -4.48 15.56 -1.04
N PHE A 283 -3.59 15.72 -2.03
CA PHE A 283 -2.19 16.03 -1.72
C PHE A 283 -1.81 17.47 -2.06
N THR A 284 -2.76 18.20 -2.63
CA THR A 284 -2.49 19.53 -3.15
C THR A 284 -2.83 20.64 -2.17
N HIS A 285 -3.66 20.32 -1.18
CA HIS A 285 -4.12 21.33 -0.22
C HIS A 285 -2.98 22.05 0.52
N ASP A 286 -1.76 21.52 0.41
CA ASP A 286 -0.64 22.16 1.08
C ASP A 286 0.60 22.25 0.19
N GLU A 287 0.42 22.04 -1.11
CA GLU A 287 1.53 22.08 -2.06
C GLU A 287 1.04 22.24 -3.49
N ASP A 288 1.86 22.91 -4.30
CA ASP A 288 1.52 23.21 -5.68
C ASP A 288 1.55 21.94 -6.54
N GLU A 289 0.50 21.76 -7.36
CA GLU A 289 0.38 20.60 -8.24
C GLU A 289 1.62 20.32 -9.07
N ARG A 290 2.22 21.39 -9.59
CA ARG A 290 3.39 21.27 -10.46
C ARG A 290 4.62 20.80 -9.69
N SER A 291 4.63 21.03 -8.38
CA SER A 291 5.83 20.76 -7.59
C SER A 291 5.63 19.80 -6.41
N LEU A 292 4.81 18.75 -6.59
CA LEU A 292 4.58 17.79 -5.51
C LEU A 292 5.85 17.02 -5.18
N GLY A 293 6.10 16.83 -3.87
CA GLY A 293 7.17 15.99 -3.38
C GLY A 293 8.53 16.66 -3.28
N MET A 294 8.56 17.96 -3.55
CA MET A 294 9.81 18.71 -3.53
C MET A 294 10.00 19.38 -2.17
N ASP A 295 8.91 19.88 -1.62
CA ASP A 295 8.97 20.51 -0.32
C ASP A 295 8.75 19.50 0.81
N LEU A 296 9.70 19.45 1.74
CA LEU A 296 9.61 18.61 2.91
C LEU A 296 8.67 19.22 3.95
N LYS A 297 7.51 18.61 4.17
CA LYS A 297 6.60 19.05 5.22
C LYS A 297 7.03 18.44 6.54
N VAL A 298 7.70 19.20 7.39
CA VAL A 298 8.10 18.68 8.69
C VAL A 298 7.02 19.00 9.73
N SER A 299 6.84 18.09 10.69
CA SER A 299 5.72 18.16 11.61
C SER A 299 6.03 19.04 12.83
N PRO A 300 4.97 19.56 13.50
CA PRO A 300 5.12 20.50 14.61
C PRO A 300 5.92 19.97 15.81
N GLN A 301 6.20 18.68 15.86
CA GLN A 301 7.00 18.15 16.95
C GLN A 301 8.46 18.56 16.86
N PHE A 302 8.84 19.20 15.76
CA PHE A 302 10.24 19.52 15.57
C PHE A 302 10.59 20.95 15.96
N ASP A 303 9.58 21.71 16.38
CA ASP A 303 9.78 23.09 16.80
C ASP A 303 10.81 23.21 17.92
N ASP A 304 10.83 22.20 18.80
CA ASP A 304 11.73 22.17 19.95
C ASP A 304 13.06 21.46 19.64
N LYS A 305 13.07 20.70 18.54
CA LYS A 305 14.27 19.95 18.17
C LYS A 305 14.53 20.03 16.66
N LYS A 306 14.80 21.24 16.18
CA LYS A 306 15.02 21.49 14.76
C LYS A 306 16.24 20.74 14.23
N HIS A 307 17.24 20.53 15.08
CA HIS A 307 18.49 19.89 14.68
C HIS A 307 18.32 18.51 14.08
N LEU A 308 17.19 17.87 14.39
CA LEU A 308 16.91 16.52 13.92
C LEU A 308 16.51 16.51 12.46
N ILE A 309 15.93 17.62 11.98
CA ILE A 309 15.61 17.77 10.56
C ILE A 309 16.89 17.64 9.74
N GLU A 310 17.93 18.35 10.17
CA GLU A 310 19.26 18.28 9.60
C GLU A 310 19.83 16.85 9.68
N GLN A 311 19.46 16.13 10.73
CA GLN A 311 19.91 14.74 10.92
C GLN A 311 19.31 13.79 9.89
N ALA A 312 18.05 14.03 9.54
CA ALA A 312 17.35 13.20 8.58
C ALA A 312 17.84 13.47 7.16
N MET A 313 18.12 14.74 6.87
CA MET A 313 18.52 15.15 5.51
C MET A 313 19.82 14.58 5.01
N GLU A 314 20.75 14.28 5.93
CA GLU A 314 22.05 13.78 5.50
C GLU A 314 22.22 12.28 5.62
N ASP A 315 21.59 11.68 6.64
CA ASP A 315 21.73 10.26 6.87
C ASP A 315 20.71 9.50 6.06
N ASP A 316 19.59 10.17 5.78
CA ASP A 316 18.57 9.61 4.88
C ASP A 316 18.37 10.62 3.74
N PRO A 317 19.43 10.84 2.93
CA PRO A 317 19.40 11.92 1.91
C PRO A 317 18.41 11.63 0.80
N ILE A 318 17.81 12.69 0.25
CA ILE A 318 16.78 12.52 -0.79
C ILE A 318 17.16 13.25 -2.08
N VAL A 319 17.34 12.49 -3.17
CA VAL A 319 17.70 13.05 -4.46
C VAL A 319 16.91 12.40 -5.61
#